data_6HZC
#
_entry.id   6HZC
#
_cell.length_a   131.689
_cell.length_b   131.689
_cell.length_c   155.339
_cell.angle_alpha   90.00
_cell.angle_beta   90.00
_cell.angle_gamma   120.00
#
_symmetry.space_group_name_H-M   'P 65 2 2'
#
loop_
_entity.id
_entity.type
_entity.pdbx_description
1 polymer Furin
2 polymer LYS-ARG-ARG-TBG-LYS-00S
3 non-polymer 'CALCIUM ION'
4 non-polymer 'SODIUM ION'
5 non-polymer 'CHLORIDE ION'
6 non-polymer 'PHOSPHATE ION'
7 non-polymer 'DIMETHYL SULFOXIDE'
8 non-polymer PENTANEDIAL
9 non-polymer '2-[4-(aminomethyl)phenyl]ethanoic acid'
10 water water
#
loop_
_entity_poly.entity_id
_entity_poly.type
_entity_poly.pdbx_seq_one_letter_code
_entity_poly.pdbx_strand_id
1 'polypeptide(L)'
;DVYQEPTDPKFPQQWYLSGVTQRDLNVKAAWAQGYTGHGIVVSILDDGIEKNHPDLAGNYDPGASFDVNDQDPDPQPRYT
QMNDNRHGTRCAGEVAAVANNGVCGVGVAYNARIGGVRMLDGEVTDAVEARSLGLNPNHIHIYSASWGPEDDGKTVDGPA
RLAEEAFFRGVSQGRGGLGSIFVWASGNGGREHDSCNCDGYTNSIYTLSISSATQFGNVPWYSEACSSTLATTYSSGNQN
EKQIVTTDLRQKCTESHTGTSASAPLAAGIIALTLEANKNLTWRDMQHLVVQTSKPAHLNANDWATNGVGRKVSHSYGYG
LLDAGAMVALAQNWTTVAPQRKCIIDILTEPKDIGKRLEVRKTVTACLGEPNHITRLEHAQARLTLSYNRRGDLAIHLVS
PMGTRSTLLAARPHDYSADGFNDWAFMTTHSWDEDPSGEWVLEIENTSEANNYGTLTKFTLVLYGTASGSLVPRGSHHHH
HH
;
A
2 'polypeptide(L)' KRR(TBG)K(00S) B
#
# COMPACT_ATOMS: atom_id res chain seq x y z
N VAL A 2 9.89 -15.08 29.86
CA VAL A 2 8.58 -15.30 29.28
C VAL A 2 7.91 -13.96 28.98
N TYR A 3 7.56 -13.75 27.71
CA TYR A 3 6.90 -12.51 27.32
C TYR A 3 5.55 -12.38 28.04
N GLN A 4 5.29 -11.19 28.57
CA GLN A 4 4.01 -10.87 29.19
C GLN A 4 3.24 -9.93 28.27
N GLU A 5 2.06 -10.35 27.85
CA GLU A 5 1.28 -9.55 26.93
C GLU A 5 0.73 -8.31 27.64
N PRO A 6 0.38 -7.28 26.87
CA PRO A 6 -0.05 -6.01 27.48
C PRO A 6 -1.24 -6.17 28.40
N THR A 7 -1.29 -5.32 29.41
CA THR A 7 -2.37 -5.31 30.40
C THR A 7 -3.35 -4.17 30.17
N ASP A 8 -3.21 -3.44 29.07
CA ASP A 8 -4.06 -2.28 28.82
C ASP A 8 -5.53 -2.69 28.81
N PRO A 9 -6.43 -1.80 29.25
CA PRO A 9 -7.83 -2.21 29.46
C PRO A 9 -8.55 -2.64 28.19
N LYS A 10 -8.20 -2.08 27.05
CA LYS A 10 -8.85 -2.44 25.79
C LYS A 10 -8.02 -3.40 24.96
N PHE A 11 -6.84 -3.83 25.43
CA PHE A 11 -6.09 -4.83 24.67
C PHE A 11 -6.90 -6.09 24.38
N PRO A 12 -7.70 -6.64 25.30
CA PRO A 12 -8.50 -7.84 24.95
C PRO A 12 -9.45 -7.65 23.79
N GLN A 13 -9.82 -6.41 23.46
CA GLN A 13 -10.67 -6.12 22.32
C GLN A 13 -9.89 -5.95 21.01
N GLN A 14 -8.56 -6.04 21.05
CA GLN A 14 -7.75 -5.90 19.84
C GLN A 14 -7.59 -7.27 19.19
N TRP A 15 -8.72 -7.78 18.71
CA TRP A 15 -8.83 -9.12 18.15
C TRP A 15 -7.84 -9.35 17.00
N TYR A 16 -7.45 -8.29 16.30
CA TYR A 16 -6.60 -8.43 15.12
C TYR A 16 -5.13 -8.59 15.47
N LEU A 17 -4.73 -8.31 16.71
CA LEU A 17 -3.31 -8.39 17.06
C LEU A 17 -2.90 -9.81 17.44
N SER A 18 -3.78 -10.56 18.08
CA SER A 18 -3.44 -11.90 18.57
C SER A 18 -4.73 -12.61 18.96
N GLY A 19 -4.61 -13.90 19.17
CA GLY A 19 -5.71 -14.72 19.63
C GLY A 19 -5.49 -16.18 19.32
N VAL A 20 -6.25 -17.03 20.01
CA VAL A 20 -6.21 -18.45 19.74
C VAL A 20 -6.84 -18.79 18.39
N THR A 21 -7.64 -17.89 17.83
CA THR A 21 -8.47 -18.22 16.68
C THR A 21 -7.70 -18.29 15.37
N GLN A 22 -6.52 -17.67 15.30
CA GLN A 22 -5.65 -17.57 14.10
C GLN A 22 -6.18 -16.50 13.12
N ARG A 23 -7.33 -15.88 13.40
CA ARG A 23 -7.77 -14.71 12.63
C ARG A 23 -7.11 -13.45 13.21
N ASP A 24 -5.80 -13.35 13.03
CA ASP A 24 -5.08 -12.16 13.50
C ASP A 24 -3.83 -11.94 12.64
N LEU A 25 -3.12 -10.85 12.94
CA LEU A 25 -1.91 -10.46 12.23
C LEU A 25 -0.65 -11.02 12.89
N ASN A 26 -0.80 -11.92 13.87
CA ASN A 26 0.34 -12.63 14.46
C ASN A 26 1.36 -11.67 15.04
N VAL A 27 0.87 -10.62 15.70
CA VAL A 27 1.75 -9.58 16.20
C VAL A 27 2.36 -9.97 17.55
N LYS A 28 1.62 -10.69 18.39
CA LYS A 28 2.19 -11.13 19.67
C LYS A 28 3.40 -12.03 19.46
N ALA A 29 3.40 -12.84 18.40
CA ALA A 29 4.57 -13.65 18.11
C ALA A 29 5.80 -12.79 17.83
N ALA A 30 5.62 -11.63 17.20
CA ALA A 30 6.75 -10.72 17.01
C ALA A 30 7.19 -10.11 18.33
N TRP A 31 6.23 -9.67 19.15
CA TRP A 31 6.56 -9.15 20.48
C TRP A 31 7.35 -10.16 21.30
N ALA A 32 6.96 -11.44 21.22
CA ALA A 32 7.64 -12.47 22.01
C ALA A 32 9.05 -12.73 21.51
N GLN A 33 9.34 -12.44 20.24
CA GLN A 33 10.71 -12.50 19.76
C GLN A 33 11.54 -11.30 20.19
N GLY A 34 10.91 -10.33 20.86
CA GLY A 34 11.62 -9.16 21.37
C GLY A 34 11.45 -7.88 20.57
N TYR A 35 10.56 -7.85 19.58
CA TYR A 35 10.44 -6.70 18.70
C TYR A 35 9.16 -5.94 19.03
N THR A 36 9.33 -4.71 19.48
CA THR A 36 8.21 -3.85 19.84
C THR A 36 8.30 -2.48 19.17
N GLY A 37 9.30 -2.27 18.32
CA GLY A 37 9.44 -1.02 17.61
C GLY A 37 10.47 -0.08 18.16
N HIS A 38 11.17 -0.44 19.23
N HIS A 38 11.18 -0.45 19.23
CA HIS A 38 12.15 0.45 19.82
CA HIS A 38 12.21 0.40 19.82
C HIS A 38 13.16 0.92 18.78
C HIS A 38 13.17 0.91 18.75
N GLY A 39 13.35 2.24 18.71
CA GLY A 39 14.30 2.83 17.81
C GLY A 39 13.79 3.16 16.42
N ILE A 40 12.55 2.78 16.08
CA ILE A 40 11.99 3.04 14.76
C ILE A 40 11.06 4.24 14.86
N VAL A 41 11.00 5.02 13.77
CA VAL A 41 10.29 6.29 13.73
C VAL A 41 9.25 6.22 12.62
N VAL A 42 7.99 6.41 12.98
CA VAL A 42 6.88 6.39 12.03
C VAL A 42 6.19 7.76 12.07
N SER A 43 5.82 8.28 10.90
CA SER A 43 5.07 9.51 10.79
C SER A 43 3.75 9.27 10.08
N ILE A 44 2.67 9.78 10.67
CA ILE A 44 1.33 9.72 10.09
C ILE A 44 1.09 11.00 9.32
N LEU A 45 0.95 10.90 8.00
CA LEU A 45 0.65 12.05 7.16
C LEU A 45 -0.86 12.17 7.10
N ASP A 46 -1.42 13.14 7.82
CA ASP A 46 -2.87 13.15 7.95
C ASP A 46 -3.34 14.53 8.40
N ASP A 47 -4.37 14.58 9.24
CA ASP A 47 -4.97 15.85 9.65
C ASP A 47 -4.42 16.33 10.99
N GLY A 48 -3.31 15.76 11.45
CA GLY A 48 -2.71 16.12 12.72
C GLY A 48 -2.70 14.97 13.70
N ILE A 49 -1.95 15.17 14.78
CA ILE A 49 -1.83 14.17 15.83
C ILE A 49 -1.93 14.85 17.20
N GLU A 50 -2.73 14.26 18.09
CA GLU A 50 -2.88 14.83 19.44
C GLU A 50 -1.65 14.40 20.24
N LYS A 51 -0.61 15.26 20.23
CA LYS A 51 0.69 14.86 20.74
C LYS A 51 0.68 14.66 22.25
N ASN A 52 -0.30 15.24 22.94
CA ASN A 52 -0.44 15.09 24.38
C ASN A 52 -1.46 14.01 24.75
N HIS A 53 -1.89 13.18 23.80
CA HIS A 53 -2.83 12.12 24.13
C HIS A 53 -2.18 11.20 25.15
N PRO A 54 -2.90 10.81 26.22
CA PRO A 54 -2.28 9.96 27.25
C PRO A 54 -1.73 8.63 26.72
N ASP A 55 -2.22 8.13 25.58
CA ASP A 55 -1.65 6.92 25.02
C ASP A 55 -0.67 7.19 23.89
N LEU A 56 -0.37 8.47 23.57
CA LEU A 56 0.64 8.79 22.56
C LEU A 56 1.82 9.58 23.10
N ALA A 57 1.63 10.37 24.16
CA ALA A 57 2.66 11.30 24.64
C ALA A 57 3.99 10.59 24.90
N GLY A 58 3.95 9.39 25.48
CA GLY A 58 5.17 8.68 25.81
C GLY A 58 6.00 8.27 24.61
N ASN A 59 5.37 8.12 23.44
CA ASN A 59 6.08 7.75 22.22
C ASN A 59 6.22 8.91 21.24
N TYR A 60 5.64 10.07 21.54
CA TYR A 60 5.58 11.15 20.57
C TYR A 60 6.98 11.64 20.21
N ASP A 61 7.17 11.96 18.93
CA ASP A 61 8.46 12.40 18.41
C ASP A 61 8.26 13.67 17.61
N PRO A 62 8.67 14.84 18.13
CA PRO A 62 8.56 16.07 17.34
C PRO A 62 9.41 16.07 16.08
N GLY A 63 10.50 15.29 16.06
CA GLY A 63 11.30 15.17 14.85
C GLY A 63 10.59 14.47 13.71
N ALA A 64 9.52 13.73 14.02
CA ALA A 64 8.70 13.05 13.03
C ALA A 64 7.46 13.84 12.68
N SER A 65 7.41 15.11 13.03
CA SER A 65 6.18 15.87 12.96
C SER A 65 6.41 17.24 12.35
N PHE A 66 5.37 17.75 11.71
CA PHE A 66 5.35 19.11 11.22
C PHE A 66 3.91 19.45 10.88
N ASP A 67 3.62 20.74 10.83
CA ASP A 67 2.32 21.24 10.40
C ASP A 67 2.53 21.93 9.07
N VAL A 68 2.22 21.24 7.99
CA VAL A 68 2.38 21.80 6.66
C VAL A 68 1.25 22.77 6.33
N ASN A 69 0.05 22.50 6.86
CA ASN A 69 -1.10 23.38 6.60
C ASN A 69 -0.88 24.79 7.14
N ASP A 70 -0.33 24.92 8.34
CA ASP A 70 -0.12 26.22 8.95
C ASP A 70 1.34 26.65 9.01
N GLN A 71 2.25 25.85 8.44
CA GLN A 71 3.68 26.18 8.38
C GLN A 71 4.25 26.42 9.77
N ASP A 72 4.17 25.39 10.61
CA ASP A 72 4.76 25.46 11.95
C ASP A 72 5.11 24.03 12.37
N PRO A 73 5.86 23.87 13.46
CA PRO A 73 6.30 22.52 13.84
C PRO A 73 5.28 21.71 14.60
N ASP A 74 4.17 22.31 15.02
CA ASP A 74 3.26 21.67 15.97
C ASP A 74 2.07 21.07 15.23
N PRO A 75 1.95 19.74 15.17
CA PRO A 75 0.89 19.11 14.36
C PRO A 75 -0.43 18.91 15.10
N GLN A 76 -0.63 19.64 16.19
CA GLN A 76 -1.85 19.47 16.98
C GLN A 76 -3.08 19.61 16.08
N PRO A 77 -4.08 18.76 16.21
CA PRO A 77 -5.28 18.88 15.38
C PRO A 77 -6.07 20.13 15.72
N ARG A 78 -6.82 20.61 14.73
CA ARG A 78 -7.78 21.69 14.94
C ARG A 78 -9.08 21.11 15.50
N TYR A 79 -9.48 21.59 16.67
CA TYR A 79 -10.64 21.02 17.36
C TYR A 79 -11.92 21.67 16.85
N THR A 80 -12.91 20.82 16.50
CA THR A 80 -14.20 21.28 16.01
C THR A 80 -15.32 20.47 16.66
N GLN A 81 -16.55 20.98 16.52
CA GLN A 81 -17.69 20.35 17.17
C GLN A 81 -17.92 18.94 16.66
N MET A 82 -17.68 18.68 15.37
CA MET A 82 -17.89 17.33 14.88
C MET A 82 -16.63 16.46 14.94
N ASN A 83 -15.56 16.95 15.58
CA ASN A 83 -14.33 16.18 15.75
C ASN A 83 -13.82 15.70 14.39
N ASP A 84 -13.82 16.65 13.44
CA ASP A 84 -13.44 16.35 12.05
C ASP A 84 -12.01 15.87 11.95
N ASN A 85 -11.12 16.39 12.79
CA ASN A 85 -9.69 16.13 12.69
C ASN A 85 -9.22 15.05 13.67
N ARG A 86 -10.07 14.07 13.95
CA ARG A 86 -9.72 12.92 14.78
C ARG A 86 -8.95 11.86 14.00
N HIS A 87 -8.96 11.94 12.67
CA HIS A 87 -8.56 10.83 11.82
C HIS A 87 -7.09 10.48 12.01
N GLY A 88 -6.22 11.48 12.05
CA GLY A 88 -4.79 11.21 12.18
C GLY A 88 -4.43 10.62 13.54
N THR A 89 -5.11 11.08 14.60
CA THR A 89 -4.87 10.54 15.93
C THR A 89 -5.28 9.08 16.02
N ARG A 90 -6.41 8.72 15.42
CA ARG A 90 -6.81 7.32 15.35
C ARG A 90 -5.76 6.48 14.63
N CYS A 91 -5.26 6.96 13.48
CA CYS A 91 -4.23 6.20 12.76
C CYS A 91 -2.95 6.07 13.58
N ALA A 92 -2.54 7.13 14.28
CA ALA A 92 -1.29 7.08 15.04
C ALA A 92 -1.36 6.04 16.17
N GLY A 93 -2.50 5.94 16.86
CA GLY A 93 -2.61 4.98 17.95
C GLY A 93 -2.51 3.53 17.49
N GLU A 94 -2.94 3.25 16.26
CA GLU A 94 -2.78 1.92 15.71
C GLU A 94 -1.32 1.52 15.62
N VAL A 95 -0.46 2.48 15.28
CA VAL A 95 0.95 2.19 15.12
C VAL A 95 1.62 2.06 16.48
N ALA A 96 1.43 3.06 17.35
CA ALA A 96 2.37 3.26 18.46
C ALA A 96 1.69 3.75 19.74
N ALA A 97 0.46 3.33 20.01
CA ALA A 97 -0.13 3.63 21.32
C ALA A 97 0.67 2.92 22.41
N VAL A 98 0.86 3.61 23.53
CA VAL A 98 1.73 3.12 24.60
C VAL A 98 1.13 1.87 25.22
N ALA A 99 1.99 0.93 25.62
CA ALA A 99 1.53 -0.30 26.23
C ALA A 99 1.69 -0.23 27.76
N ASN A 100 0.86 -1.03 28.44
CA ASN A 100 1.01 -1.28 29.89
C ASN A 100 0.93 0.00 30.70
N ASN A 101 0.04 0.92 30.30
CA ASN A 101 -0.12 2.18 31.01
C ASN A 101 -1.56 2.42 31.45
N GLY A 102 -2.39 1.38 31.51
CA GLY A 102 -3.76 1.53 31.98
C GLY A 102 -4.66 2.38 31.10
N VAL A 103 -4.26 2.67 29.87
CA VAL A 103 -5.02 3.54 28.97
C VAL A 103 -5.27 2.80 27.66
N CYS A 104 -6.52 2.75 27.23
CA CYS A 104 -6.96 2.28 25.89
C CYS A 104 -6.32 0.93 25.56
N GLY A 105 -5.75 0.75 24.36
CA GLY A 105 -5.10 -0.49 23.99
C GLY A 105 -3.62 -0.27 23.72
N VAL A 106 -3.05 -0.94 22.72
CA VAL A 106 -1.63 -0.80 22.41
C VAL A 106 -1.46 -0.64 20.90
N GLY A 107 -0.38 0.04 20.51
CA GLY A 107 0.02 0.03 19.12
C GLY A 107 0.65 -1.30 18.73
N VAL A 108 0.69 -1.57 17.43
CA VAL A 108 1.44 -2.72 16.93
C VAL A 108 2.91 -2.60 17.34
N ALA A 109 3.46 -1.41 17.25
CA ALA A 109 4.85 -1.13 17.58
C ALA A 109 4.84 -0.17 18.76
N TYR A 110 4.45 -0.69 19.93
CA TYR A 110 4.11 0.19 21.04
C TYR A 110 5.32 0.82 21.71
N ASN A 111 6.54 0.51 21.27
CA ASN A 111 7.74 1.19 21.72
C ASN A 111 8.40 2.01 20.61
N ALA A 112 7.78 2.09 19.44
CA ALA A 112 8.30 2.95 18.39
C ALA A 112 8.03 4.42 18.71
N ARG A 113 8.75 5.30 18.03
N ARG A 113 8.75 5.29 18.02
CA ARG A 113 8.47 6.72 18.12
CA ARG A 113 8.50 6.72 18.07
C ARG A 113 7.50 7.10 17.01
C ARG A 113 7.47 7.08 17.00
N ILE A 114 6.54 7.97 17.35
CA ILE A 114 5.42 8.29 16.47
C ILE A 114 5.31 9.80 16.33
N GLY A 115 5.14 10.26 15.09
CA GLY A 115 4.86 11.65 14.81
C GLY A 115 3.71 11.77 13.83
N GLY A 116 3.34 13.00 13.56
CA GLY A 116 2.30 13.27 12.59
C GLY A 116 2.61 14.49 11.77
N VAL A 117 2.28 14.46 10.48
CA VAL A 117 2.35 15.65 9.66
C VAL A 117 0.92 16.14 9.46
N ARG A 118 0.65 17.37 9.90
CA ARG A 118 -0.65 17.98 9.67
C ARG A 118 -0.64 18.55 8.26
N MET A 119 -1.28 17.83 7.33
CA MET A 119 -1.27 18.29 5.95
C MET A 119 -2.61 18.11 5.23
N LEU A 120 -3.60 17.43 5.82
CA LEU A 120 -4.91 17.30 5.19
C LEU A 120 -5.88 18.42 5.56
N ASP A 121 -5.60 19.22 6.60
CA ASP A 121 -6.56 20.20 7.07
C ASP A 121 -6.35 21.53 6.32
N GLY A 122 -6.77 21.51 5.07
CA GLY A 122 -6.51 22.59 4.14
C GLY A 122 -6.41 22.04 2.74
N GLU A 123 -6.14 22.92 1.79
CA GLU A 123 -6.05 22.49 0.39
C GLU A 123 -4.78 21.65 0.21
N VAL A 124 -4.95 20.42 -0.29
CA VAL A 124 -3.84 19.49 -0.39
C VAL A 124 -3.27 19.63 -1.80
N THR A 125 -2.28 20.51 -1.92
CA THR A 125 -1.64 20.73 -3.21
C THR A 125 -0.50 19.75 -3.41
N ASP A 126 0.03 19.75 -4.63
CA ASP A 126 1.23 18.98 -4.93
C ASP A 126 2.36 19.38 -3.99
N ALA A 127 2.57 20.69 -3.79
CA ALA A 127 3.64 21.11 -2.88
C ALA A 127 3.39 20.64 -1.45
N VAL A 128 2.13 20.65 -1.00
CA VAL A 128 1.83 20.20 0.36
C VAL A 128 2.20 18.73 0.52
N GLU A 129 1.83 17.90 -0.46
CA GLU A 129 2.18 16.49 -0.42
C GLU A 129 3.70 16.31 -0.40
N ALA A 130 4.40 17.04 -1.27
CA ALA A 130 5.83 16.85 -1.39
C ALA A 130 6.55 17.23 -0.10
N ARG A 131 6.10 18.30 0.55
CA ARG A 131 6.76 18.71 1.79
C ARG A 131 6.50 17.70 2.90
N SER A 132 5.37 16.98 2.84
CA SER A 132 5.05 15.97 3.85
C SER A 132 5.80 14.67 3.59
N LEU A 133 5.75 14.18 2.34
CA LEU A 133 6.47 12.97 1.97
C LEU A 133 7.97 13.13 2.15
N GLY A 134 8.49 14.35 1.98
CA GLY A 134 9.92 14.55 2.10
C GLY A 134 10.37 15.09 3.45
N LEU A 135 9.53 14.96 4.48
CA LEU A 135 9.86 15.51 5.79
C LEU A 135 10.94 14.66 6.48
N ASN A 136 12.01 15.33 6.90
N ASN A 136 12.00 15.33 6.95
CA ASN A 136 13.08 14.77 7.73
CA ASN A 136 13.07 14.74 7.75
C ASN A 136 13.41 13.32 7.33
C ASN A 136 13.40 13.31 7.33
N PRO A 137 13.77 13.08 6.06
CA PRO A 137 13.87 11.69 5.57
C PRO A 137 15.06 10.91 6.13
N ASN A 138 15.98 11.55 6.84
CA ASN A 138 17.03 10.83 7.53
C ASN A 138 16.70 10.53 8.97
N HIS A 139 15.53 10.95 9.43
CA HIS A 139 15.04 10.65 10.76
C HIS A 139 13.82 9.75 10.74
N ILE A 140 12.83 10.07 9.91
CA ILE A 140 11.63 9.24 9.80
C ILE A 140 11.98 8.01 8.98
N HIS A 141 11.61 6.83 9.47
CA HIS A 141 11.83 5.60 8.73
C HIS A 141 10.65 5.24 7.84
N ILE A 142 9.45 5.40 8.35
CA ILE A 142 8.22 4.88 7.75
C ILE A 142 7.18 6.00 7.72
N TYR A 143 6.56 6.21 6.57
CA TYR A 143 5.49 7.18 6.36
C TYR A 143 4.20 6.42 6.10
N SER A 144 3.12 6.82 6.76
CA SER A 144 1.83 6.16 6.63
C SER A 144 0.82 7.18 6.11
N ALA A 145 0.13 6.84 5.01
CA ALA A 145 -0.82 7.76 4.39
C ALA A 145 -2.15 7.07 4.21
N SER A 146 -3.15 7.51 4.98
CA SER A 146 -4.51 7.01 4.83
C SER A 146 -5.37 8.07 4.16
N TRP A 147 -4.98 8.45 2.95
CA TRP A 147 -5.69 9.46 2.17
C TRP A 147 -5.28 9.26 0.71
N GLY A 148 -5.99 9.94 -0.18
CA GLY A 148 -5.61 9.92 -1.58
C GLY A 148 -6.63 10.59 -2.47
N PRO A 149 -6.53 10.35 -3.78
CA PRO A 149 -7.52 10.91 -4.70
C PRO A 149 -8.92 10.39 -4.38
N GLU A 150 -9.92 11.16 -4.84
CA GLU A 150 -11.32 10.82 -4.64
C GLU A 150 -11.62 9.39 -5.07
N ASP A 151 -12.38 8.68 -4.25
CA ASP A 151 -12.89 7.34 -4.55
C ASP A 151 -14.27 7.39 -5.18
N ASP A 152 -14.52 8.32 -6.11
CA ASP A 152 -15.83 8.37 -6.74
C ASP A 152 -15.97 7.36 -7.86
N GLY A 153 -14.93 6.59 -8.16
CA GLY A 153 -14.99 5.61 -9.21
C GLY A 153 -14.93 6.17 -10.60
N LYS A 154 -14.58 7.46 -10.75
CA LYS A 154 -14.37 8.03 -12.07
C LYS A 154 -13.08 8.84 -12.17
N THR A 155 -12.29 8.93 -11.10
CA THR A 155 -11.07 9.71 -11.10
C THR A 155 -9.86 8.86 -11.50
N VAL A 156 -8.99 9.43 -12.31
CA VAL A 156 -7.66 8.88 -12.56
C VAL A 156 -6.67 9.96 -12.18
N ASP A 157 -5.92 9.73 -11.10
CA ASP A 157 -5.06 10.79 -10.60
C ASP A 157 -3.95 10.17 -9.77
N GLY A 158 -2.82 10.86 -9.71
CA GLY A 158 -1.68 10.41 -8.95
C GLY A 158 -0.79 11.56 -8.57
N PRO A 159 0.37 11.26 -8.01
CA PRO A 159 1.29 12.33 -7.60
C PRO A 159 1.69 13.20 -8.78
N ALA A 160 1.60 14.51 -8.59
CA ALA A 160 2.14 15.47 -9.54
C ALA A 160 3.66 15.56 -9.35
N ARG A 161 4.29 16.54 -10.01
CA ARG A 161 5.74 16.48 -10.16
C ARG A 161 6.48 16.52 -8.83
N LEU A 162 6.10 17.45 -7.94
CA LEU A 162 6.82 17.57 -6.66
C LEU A 162 6.64 16.32 -5.82
N ALA A 163 5.42 15.78 -5.79
CA ALA A 163 5.17 14.58 -5.00
C ALA A 163 5.93 13.38 -5.56
N GLU A 164 5.97 13.23 -6.88
CA GLU A 164 6.73 12.13 -7.45
C GLU A 164 8.22 12.30 -7.20
N GLU A 165 8.72 13.54 -7.30
CA GLU A 165 10.10 13.81 -6.95
C GLU A 165 10.38 13.44 -5.50
N ALA A 166 9.40 13.68 -4.60
CA ALA A 166 9.57 13.31 -3.20
C ALA A 166 9.66 11.81 -3.02
N PHE A 167 8.82 11.05 -3.75
CA PHE A 167 8.93 9.60 -3.73
C PHE A 167 10.32 9.14 -4.19
N PHE A 168 10.82 9.67 -5.31
CA PHE A 168 12.11 9.16 -5.78
C PHE A 168 13.24 9.59 -4.85
N ARG A 169 13.19 10.82 -4.33
CA ARG A 169 14.22 11.25 -3.39
C ARG A 169 14.18 10.40 -2.13
N GLY A 170 12.97 10.03 -1.69
CA GLY A 170 12.84 9.23 -0.47
C GLY A 170 13.40 7.83 -0.63
N VAL A 171 13.03 7.13 -1.71
CA VAL A 171 13.52 5.77 -1.86
C VAL A 171 14.99 5.75 -2.23
N SER A 172 15.52 6.83 -2.82
CA SER A 172 16.90 6.83 -3.26
C SER A 172 17.86 7.28 -2.17
N GLN A 173 17.58 8.43 -1.55
CA GLN A 173 18.48 8.98 -0.54
C GLN A 173 17.95 8.89 0.90
N GLY A 174 16.65 8.65 1.08
CA GLY A 174 16.12 8.57 2.43
C GLY A 174 16.67 7.39 3.22
N ARG A 175 16.59 7.51 4.55
CA ARG A 175 17.02 6.45 5.47
C ARG A 175 18.45 6.01 5.20
N GLY A 176 19.33 6.99 5.01
CA GLY A 176 20.73 6.68 4.77
C GLY A 176 21.00 5.99 3.45
N GLY A 177 20.18 6.24 2.43
CA GLY A 177 20.31 5.58 1.17
C GLY A 177 19.59 4.25 1.06
N LEU A 178 19.01 3.77 2.16
CA LEU A 178 18.24 2.53 2.10
C LEU A 178 16.84 2.76 1.56
N GLY A 179 16.32 3.98 1.69
CA GLY A 179 15.04 4.33 1.09
C GLY A 179 13.90 4.44 2.09
N SER A 180 13.21 5.58 2.10
CA SER A 180 12.01 5.75 2.91
C SER A 180 10.99 4.65 2.60
N ILE A 181 10.28 4.20 3.63
CA ILE A 181 9.18 3.25 3.47
C ILE A 181 7.87 4.02 3.46
N PHE A 182 7.16 3.97 2.33
CA PHE A 182 5.87 4.63 2.17
C PHE A 182 4.75 3.59 2.19
N VAL A 183 3.85 3.68 3.16
CA VAL A 183 2.72 2.75 3.29
C VAL A 183 1.44 3.50 2.94
N TRP A 184 0.63 2.91 2.06
CA TRP A 184 -0.56 3.58 1.54
C TRP A 184 -1.81 2.73 1.76
N ALA A 185 -2.92 3.38 2.11
CA ALA A 185 -4.21 2.72 2.17
C ALA A 185 -4.77 2.62 0.76
N SER A 186 -5.21 1.43 0.36
CA SER A 186 -5.55 1.25 -1.06
C SER A 186 -6.84 1.93 -1.48
N GLY A 187 -7.71 2.35 -0.54
CA GLY A 187 -8.87 3.11 -0.96
C GLY A 187 -10.21 2.67 -0.39
N ASN A 188 -11.19 3.58 -0.40
CA ASN A 188 -12.53 3.30 0.11
C ASN A 188 -13.58 3.22 -0.99
N GLY A 189 -13.17 3.03 -2.25
CA GLY A 189 -14.10 3.18 -3.36
C GLY A 189 -14.90 1.95 -3.74
N GLY A 190 -14.97 0.96 -2.84
CA GLY A 190 -15.62 -0.30 -3.20
C GLY A 190 -17.06 -0.14 -3.64
N ARG A 191 -17.83 0.72 -2.95
CA ARG A 191 -19.23 0.91 -3.31
C ARG A 191 -19.37 1.54 -4.70
N GLU A 192 -18.40 2.34 -5.12
CA GLU A 192 -18.38 2.95 -6.43
C GLU A 192 -17.70 2.08 -7.49
N HIS A 193 -17.34 0.85 -7.14
CA HIS A 193 -16.61 -0.04 -8.06
C HIS A 193 -15.33 0.62 -8.57
N ASP A 194 -14.67 1.35 -7.68
CA ASP A 194 -13.41 2.00 -8.01
C ASP A 194 -12.29 0.96 -8.16
N SER A 195 -11.24 1.34 -8.89
CA SER A 195 -10.05 0.51 -9.09
C SER A 195 -8.86 1.21 -8.47
N CYS A 196 -8.14 0.52 -7.59
CA CYS A 196 -7.00 1.21 -7.00
C CYS A 196 -5.82 1.32 -7.96
N ASN A 197 -5.92 0.81 -9.20
CA ASN A 197 -4.89 1.12 -10.19
C ASN A 197 -5.09 2.48 -10.83
N CYS A 198 -6.25 3.12 -10.63
CA CYS A 198 -6.50 4.48 -11.11
C CYS A 198 -6.08 5.53 -10.10
N ASP A 199 -5.32 5.13 -9.10
CA ASP A 199 -4.82 5.99 -8.02
C ASP A 199 -3.30 5.88 -8.12
N GLY A 200 -2.62 6.96 -8.48
CA GLY A 200 -1.17 6.84 -8.72
C GLY A 200 -0.35 6.64 -7.46
N TYR A 201 -0.93 6.91 -6.28
CA TYR A 201 -0.22 6.72 -5.02
C TYR A 201 -0.14 5.24 -4.65
N THR A 202 -1.27 4.55 -4.75
CA THR A 202 -1.32 3.12 -4.47
C THR A 202 -0.64 2.34 -5.59
N ASN A 203 -0.85 2.76 -6.83
CA ASN A 203 -0.28 2.15 -8.03
C ASN A 203 1.24 2.36 -8.14
N SER A 204 1.82 3.26 -7.35
CA SER A 204 3.26 3.50 -7.38
C SER A 204 4.04 2.28 -6.92
N ILE A 205 5.19 2.03 -7.56
CA ILE A 205 6.05 0.97 -7.03
C ILE A 205 6.71 1.37 -5.71
N TYR A 206 6.75 2.66 -5.42
CA TYR A 206 7.46 3.13 -4.22
C TYR A 206 6.63 3.04 -2.95
N THR A 207 5.36 2.67 -3.05
CA THR A 207 4.50 2.54 -1.89
C THR A 207 4.07 1.09 -1.72
N LEU A 208 3.91 0.66 -0.46
CA LEU A 208 3.27 -0.63 -0.16
C LEU A 208 1.78 -0.34 0.02
N SER A 209 0.98 -0.70 -0.99
CA SER A 209 -0.45 -0.44 -0.97
C SER A 209 -1.14 -1.59 -0.24
N ILE A 210 -1.91 -1.25 0.80
CA ILE A 210 -2.44 -2.22 1.75
C ILE A 210 -3.96 -2.21 1.67
N SER A 211 -4.56 -3.38 1.46
CA SER A 211 -6.00 -3.54 1.45
C SER A 211 -6.51 -4.12 2.78
N SER A 212 -7.82 -4.37 2.84
CA SER A 212 -8.51 -4.66 4.10
C SER A 212 -9.24 -5.99 4.04
N ALA A 213 -9.35 -6.64 5.19
CA ALA A 213 -10.22 -7.80 5.36
C ALA A 213 -11.08 -7.61 6.59
N THR A 214 -12.31 -8.09 6.54
CA THR A 214 -13.19 -8.06 7.70
C THR A 214 -12.80 -9.17 8.68
N GLN A 215 -13.33 -9.07 9.92
CA GLN A 215 -13.02 -10.05 10.95
C GLN A 215 -13.32 -11.48 10.48
N PHE A 216 -14.43 -11.68 9.78
CA PHE A 216 -14.77 -13.02 9.31
C PHE A 216 -14.04 -13.41 8.02
N GLY A 217 -13.04 -12.62 7.60
CA GLY A 217 -12.22 -12.98 6.45
C GLY A 217 -12.83 -12.63 5.10
N ASN A 218 -13.67 -11.60 5.03
CA ASN A 218 -14.31 -11.26 3.77
C ASN A 218 -13.80 -9.93 3.23
N VAL A 219 -14.11 -9.66 1.96
CA VAL A 219 -13.76 -8.42 1.30
C VAL A 219 -14.75 -7.34 1.75
N PRO A 220 -14.30 -6.32 2.47
CA PRO A 220 -15.24 -5.32 3.00
C PRO A 220 -15.94 -4.56 1.89
N TRP A 221 -17.08 -3.97 2.24
CA TRP A 221 -17.87 -3.22 1.27
C TRP A 221 -17.07 -2.11 0.60
N TYR A 222 -16.13 -1.49 1.33
CA TYR A 222 -15.38 -0.34 0.83
C TYR A 222 -14.14 -0.72 0.01
N SER A 223 -13.81 -2.01 -0.05
CA SER A 223 -12.54 -2.44 -0.63
C SER A 223 -12.48 -2.19 -2.13
N GLU A 224 -11.32 -1.75 -2.61
CA GLU A 224 -11.05 -1.61 -4.04
C GLU A 224 -10.12 -2.71 -4.49
N ALA A 225 -10.48 -3.40 -5.57
CA ALA A 225 -9.63 -4.43 -6.14
C ALA A 225 -8.72 -3.81 -7.20
N CYS A 226 -7.46 -4.25 -7.23
CA CYS A 226 -6.55 -3.88 -8.32
C CYS A 226 -5.28 -4.72 -8.22
N SER A 227 -4.49 -4.70 -9.30
CA SER A 227 -3.27 -5.50 -9.34
C SER A 227 -2.11 -4.85 -8.60
N SER A 228 -2.18 -3.54 -8.26
CA SER A 228 -1.04 -2.92 -7.58
C SER A 228 -1.01 -3.19 -6.09
N THR A 229 -2.11 -3.66 -5.50
CA THR A 229 -2.13 -3.93 -4.07
C THR A 229 -1.11 -5.02 -3.73
N LEU A 230 -0.40 -4.84 -2.62
CA LEU A 230 0.63 -5.79 -2.23
C LEU A 230 0.18 -6.77 -1.15
N ALA A 231 -0.53 -6.31 -0.12
CA ALA A 231 -0.92 -7.18 1.00
C ALA A 231 -2.12 -6.56 1.71
N THR A 232 -2.52 -7.18 2.83
CA THR A 232 -3.77 -6.88 3.52
C THR A 232 -3.56 -6.85 5.03
N THR A 233 -4.31 -5.96 5.71
CA THR A 233 -4.48 -6.09 7.15
C THR A 233 -5.97 -6.00 7.47
N TYR A 234 -6.32 -6.47 8.67
CA TYR A 234 -7.70 -6.40 9.11
C TYR A 234 -8.19 -4.97 9.29
N SER A 235 -9.48 -4.77 9.04
CA SER A 235 -10.17 -3.53 9.38
C SER A 235 -11.63 -3.86 9.60
N SER A 236 -12.52 -2.89 9.40
CA SER A 236 -13.92 -3.11 9.74
C SER A 236 -14.66 -3.85 8.63
N GLY A 237 -15.87 -4.26 8.96
CA GLY A 237 -16.77 -4.93 8.03
C GLY A 237 -18.22 -4.60 8.34
N ASN A 238 -19.06 -5.61 8.54
CA ASN A 238 -20.46 -5.37 8.87
C ASN A 238 -20.61 -5.13 10.38
N GLN A 239 -21.84 -4.94 10.83
CA GLN A 239 -22.03 -4.51 12.21
C GLN A 239 -22.00 -5.65 13.21
N ASN A 240 -21.86 -6.90 12.74
CA ASN A 240 -21.58 -8.02 13.62
C ASN A 240 -20.08 -8.27 13.79
N GLU A 241 -19.25 -7.62 12.98
CA GLU A 241 -17.81 -7.80 13.02
C GLU A 241 -17.16 -6.69 13.83
N LYS A 242 -16.15 -7.05 14.59
CA LYS A 242 -15.45 -6.06 15.41
C LYS A 242 -14.65 -5.09 14.53
N GLN A 243 -14.24 -3.99 15.13
CA GLN A 243 -13.55 -2.93 14.41
C GLN A 243 -12.21 -2.65 15.08
N ILE A 244 -11.63 -1.49 14.84
CA ILE A 244 -10.25 -1.22 15.26
C ILE A 244 -10.23 -0.33 16.49
N VAL A 245 -9.38 -0.68 17.46
CA VAL A 245 -9.30 -0.02 18.76
C VAL A 245 -8.09 0.89 18.77
N THR A 246 -8.29 2.17 19.07
CA THR A 246 -7.18 3.12 18.96
C THR A 246 -7.48 4.38 19.77
N THR A 247 -6.48 5.26 19.80
CA THR A 247 -6.58 6.57 20.44
C THR A 247 -7.50 7.48 19.65
N ASP A 248 -8.35 8.22 20.35
CA ASP A 248 -9.27 9.13 19.71
C ASP A 248 -9.00 10.55 20.17
N LEU A 249 -9.53 11.51 19.41
CA LEU A 249 -9.35 12.91 19.73
C LEU A 249 -9.94 13.23 21.11
N ARG A 250 -9.44 14.29 21.73
CA ARG A 250 -9.83 14.71 23.08
C ARG A 250 -9.50 13.65 24.13
N GLN A 251 -8.35 13.01 23.94
CA GLN A 251 -7.75 12.11 24.93
C GLN A 251 -8.65 10.92 25.23
N LYS A 252 -9.47 10.53 24.27
CA LYS A 252 -10.40 9.44 24.41
C LYS A 252 -9.87 8.19 23.71
N CYS A 253 -10.59 7.10 23.91
CA CYS A 253 -10.31 5.80 23.33
C CYS A 253 -11.50 5.41 22.47
N THR A 254 -11.26 4.87 21.27
CA THR A 254 -12.35 4.42 20.42
C THR A 254 -12.16 2.94 20.08
N GLU A 255 -13.30 2.26 19.93
CA GLU A 255 -13.31 0.89 19.45
C GLU A 255 -13.97 0.79 18.09
N SER A 256 -14.16 1.91 17.40
CA SER A 256 -14.91 1.91 16.14
C SER A 256 -14.17 2.68 15.03
N HIS A 257 -12.85 2.49 14.95
CA HIS A 257 -12.08 2.96 13.80
C HIS A 257 -12.24 1.98 12.66
N THR A 258 -12.38 2.50 11.43
CA THR A 258 -12.93 1.70 10.33
C THR A 258 -12.26 2.03 9.01
N GLY A 259 -12.58 1.21 7.99
CA GLY A 259 -12.30 1.54 6.61
C GLY A 259 -10.87 1.27 6.20
N THR A 260 -10.57 1.65 4.96
CA THR A 260 -9.20 1.53 4.45
C THR A 260 -8.22 2.28 5.34
N SER A 261 -8.69 3.35 5.99
CA SER A 261 -7.79 4.18 6.80
C SER A 261 -7.12 3.40 7.91
N ALA A 262 -7.79 2.37 8.44
CA ALA A 262 -7.24 1.64 9.56
C ALA A 262 -6.23 0.57 9.11
N SER A 263 -6.24 0.20 7.83
CA SER A 263 -5.37 -0.90 7.40
C SER A 263 -3.92 -0.46 7.24
N ALA A 264 -3.67 0.69 6.62
CA ALA A 264 -2.29 1.10 6.41
C ALA A 264 -1.53 1.30 7.73
N PRO A 265 -2.08 1.93 8.77
CA PRO A 265 -1.30 2.08 10.01
C PRO A 265 -0.90 0.75 10.63
N LEU A 266 -1.78 -0.27 10.59
CA LEU A 266 -1.39 -1.58 11.10
C LEU A 266 -0.21 -2.14 10.31
N ALA A 267 -0.24 -1.98 8.98
CA ALA A 267 0.91 -2.39 8.17
C ALA A 267 2.15 -1.59 8.55
N ALA A 268 2.02 -0.27 8.74
CA ALA A 268 3.18 0.52 9.13
C ALA A 268 3.76 0.03 10.46
N GLY A 269 2.91 -0.35 11.40
CA GLY A 269 3.41 -0.88 12.65
C GLY A 269 4.16 -2.19 12.48
N ILE A 270 3.62 -3.10 11.67
CA ILE A 270 4.28 -4.36 11.42
C ILE A 270 5.61 -4.14 10.70
N ILE A 271 5.65 -3.18 9.77
CA ILE A 271 6.91 -2.85 9.12
C ILE A 271 7.89 -2.25 10.12
N ALA A 272 7.40 -1.50 11.10
CA ALA A 272 8.29 -0.96 12.13
C ALA A 272 8.93 -2.09 12.93
N LEU A 273 8.15 -3.11 13.31
CA LEU A 273 8.73 -4.26 14.01
C LEU A 273 9.79 -4.93 13.14
N THR A 274 9.51 -5.04 11.84
CA THR A 274 10.43 -5.68 10.91
C THR A 274 11.73 -4.89 10.79
N LEU A 275 11.65 -3.57 10.71
CA LEU A 275 12.85 -2.75 10.64
C LEU A 275 13.67 -2.87 11.91
N GLU A 276 13.03 -3.00 13.08
CA GLU A 276 13.80 -3.22 14.30
C GLU A 276 14.59 -4.53 14.21
N ALA A 277 13.99 -5.56 13.61
CA ALA A 277 14.67 -6.84 13.49
C ALA A 277 15.85 -6.80 12.51
N ASN A 278 15.87 -5.83 11.58
CA ASN A 278 17.00 -5.69 10.67
C ASN A 278 16.95 -4.25 10.13
N LYS A 279 17.73 -3.35 10.72
CA LYS A 279 17.67 -1.95 10.32
C LYS A 279 18.30 -1.70 8.96
N ASN A 280 18.95 -2.69 8.36
CA ASN A 280 19.62 -2.52 7.08
C ASN A 280 18.74 -2.87 5.90
N LEU A 281 17.45 -3.10 6.12
CA LEU A 281 16.56 -3.48 5.01
C LEU A 281 16.31 -2.29 4.11
N THR A 282 16.38 -2.51 2.80
CA THR A 282 16.07 -1.42 1.87
C THR A 282 14.57 -1.36 1.63
N TRP A 283 14.13 -0.29 0.97
CA TRP A 283 12.72 -0.18 0.63
C TRP A 283 12.26 -1.37 -0.21
N ARG A 284 13.13 -1.89 -1.09
CA ARG A 284 12.75 -3.07 -1.88
C ARG A 284 12.81 -4.36 -1.06
N ASP A 285 13.82 -4.51 -0.20
CA ASP A 285 13.84 -5.60 0.77
C ASP A 285 12.48 -5.75 1.45
N MET A 286 11.91 -4.63 1.92
CA MET A 286 10.69 -4.70 2.70
C MET A 286 9.53 -5.25 1.88
N GLN A 287 9.45 -4.88 0.59
CA GLN A 287 8.39 -5.43 -0.24
C GLN A 287 8.61 -6.91 -0.51
N HIS A 288 9.87 -7.34 -0.67
CA HIS A 288 10.16 -8.76 -0.78
C HIS A 288 9.69 -9.53 0.45
N LEU A 289 9.99 -9.01 1.64
CA LEU A 289 9.54 -9.68 2.87
C LEU A 289 8.04 -9.81 2.90
N VAL A 290 7.32 -8.74 2.55
CA VAL A 290 5.86 -8.76 2.54
C VAL A 290 5.35 -9.84 1.58
N VAL A 291 5.93 -9.91 0.38
CA VAL A 291 5.48 -10.89 -0.61
C VAL A 291 5.70 -12.30 -0.09
N GLN A 292 6.87 -12.56 0.48
CA GLN A 292 7.22 -13.92 0.88
C GLN A 292 6.43 -14.40 2.10
N THR A 293 6.07 -13.49 3.02
CA THR A 293 5.51 -13.92 4.31
C THR A 293 4.01 -13.76 4.44
N SER A 294 3.34 -13.06 3.53
CA SER A 294 1.92 -12.81 3.73
C SER A 294 1.11 -14.07 3.49
N LYS A 295 -0.06 -14.13 4.13
CA LYS A 295 -0.81 -15.37 4.28
C LYS A 295 -2.18 -15.26 3.64
N PRO A 296 -2.46 -16.04 2.60
CA PRO A 296 -3.81 -16.03 2.01
C PRO A 296 -4.85 -16.73 2.86
N ALA A 297 -4.46 -17.67 3.72
CA ALA A 297 -5.38 -18.69 4.21
C ALA A 297 -6.63 -18.09 4.82
N HIS A 298 -7.79 -18.61 4.41
CA HIS A 298 -9.09 -18.28 4.97
C HIS A 298 -9.54 -16.85 4.67
N LEU A 299 -8.81 -16.09 3.85
CA LEU A 299 -9.37 -14.90 3.27
C LEU A 299 -10.22 -15.31 2.07
N ASN A 300 -11.48 -14.90 2.05
CA ASN A 300 -12.42 -15.31 1.01
C ASN A 300 -12.39 -14.33 -0.16
N ALA A 301 -12.16 -14.86 -1.35
CA ALA A 301 -12.24 -14.10 -2.59
C ALA A 301 -12.52 -15.06 -3.73
N ASN A 302 -13.15 -14.58 -4.78
CA ASN A 302 -13.42 -15.46 -5.93
C ASN A 302 -12.33 -15.40 -6.99
N ASP A 303 -11.23 -14.67 -6.76
CA ASP A 303 -10.21 -14.49 -7.78
C ASP A 303 -8.82 -14.96 -7.34
N TRP A 304 -8.73 -15.79 -6.29
CA TRP A 304 -7.42 -16.30 -5.90
C TRP A 304 -6.81 -17.07 -7.08
N ALA A 305 -5.56 -16.74 -7.40
CA ALA A 305 -4.85 -17.42 -8.47
C ALA A 305 -3.44 -17.69 -8.01
N THR A 306 -2.86 -18.76 -8.52
CA THR A 306 -1.47 -19.11 -8.22
C THR A 306 -0.60 -18.58 -9.35
N ASN A 307 0.43 -17.80 -9.00
CA ASN A 307 1.24 -17.16 -10.02
C ASN A 307 2.33 -18.13 -10.48
N GLY A 308 3.31 -17.63 -11.22
CA GLY A 308 4.31 -18.50 -11.84
C GLY A 308 5.30 -19.11 -10.88
N VAL A 309 5.39 -18.59 -9.66
CA VAL A 309 6.31 -19.14 -8.67
C VAL A 309 5.55 -19.77 -7.50
N GLY A 310 4.29 -20.15 -7.72
CA GLY A 310 3.55 -20.91 -6.74
C GLY A 310 2.87 -20.11 -5.64
N ARG A 311 2.86 -18.78 -5.71
CA ARG A 311 2.27 -17.96 -4.66
C ARG A 311 0.84 -17.58 -5.03
N LYS A 312 -0.05 -17.65 -4.05
CA LYS A 312 -1.44 -17.26 -4.25
C LYS A 312 -1.56 -15.75 -4.20
N VAL A 313 -2.34 -15.19 -5.11
CA VAL A 313 -2.49 -13.74 -5.17
C VAL A 313 -3.92 -13.41 -5.59
N SER A 314 -4.44 -12.33 -5.01
CA SER A 314 -5.80 -11.88 -5.26
C SER A 314 -5.79 -10.39 -5.53
N HIS A 315 -6.71 -9.91 -6.34
CA HIS A 315 -6.78 -8.47 -6.55
C HIS A 315 -7.40 -7.76 -5.37
N SER A 316 -8.10 -8.48 -4.49
CA SER A 316 -8.65 -7.86 -3.29
C SER A 316 -7.62 -7.80 -2.17
N TYR A 317 -6.64 -8.70 -2.17
CA TYR A 317 -5.80 -8.89 -1.01
C TYR A 317 -4.30 -8.88 -1.30
N GLY A 318 -3.89 -8.78 -2.55
CA GLY A 318 -2.48 -8.92 -2.85
C GLY A 318 -2.05 -10.32 -2.46
N TYR A 319 -0.94 -10.41 -1.74
CA TYR A 319 -0.44 -11.71 -1.30
C TYR A 319 -1.07 -12.19 0.01
N GLY A 320 -2.02 -11.44 0.55
CA GLY A 320 -2.77 -11.88 1.70
C GLY A 320 -2.48 -11.06 2.94
N LEU A 321 -2.81 -11.63 4.09
CA LEU A 321 -2.68 -10.95 5.37
C LEU A 321 -1.23 -10.86 5.79
N LEU A 322 -0.83 -9.69 6.29
CA LEU A 322 0.50 -9.59 6.88
C LEU A 322 0.60 -10.52 8.09
N ASP A 323 1.82 -10.99 8.33
CA ASP A 323 2.14 -11.91 9.42
C ASP A 323 3.39 -11.36 10.11
N ALA A 324 3.18 -10.65 11.22
CA ALA A 324 4.27 -9.93 11.87
C ALA A 324 5.35 -10.88 12.38
N GLY A 325 4.94 -11.99 13.00
CA GLY A 325 5.92 -12.97 13.46
C GLY A 325 6.80 -13.49 12.33
N ALA A 326 6.20 -13.78 11.18
CA ALA A 326 6.99 -14.30 10.07
C ALA A 326 7.86 -13.21 9.46
N MET A 327 7.34 -11.99 9.39
CA MET A 327 8.12 -10.85 8.90
C MET A 327 9.39 -10.65 9.71
N VAL A 328 9.27 -10.59 11.04
CA VAL A 328 10.45 -10.27 11.86
C VAL A 328 11.43 -11.43 11.86
N ALA A 329 10.92 -12.66 11.74
CA ALA A 329 11.80 -13.82 11.71
C ALA A 329 12.60 -13.84 10.41
N LEU A 330 11.94 -13.63 9.28
CA LEU A 330 12.64 -13.66 8.00
C LEU A 330 13.57 -12.46 7.85
N ALA A 331 13.25 -11.35 8.52
CA ALA A 331 14.07 -10.14 8.37
C ALA A 331 15.48 -10.35 8.91
N GLN A 332 15.62 -11.13 9.98
CA GLN A 332 16.84 -11.08 10.77
C GLN A 332 18.07 -11.51 9.97
N ASN A 333 17.95 -12.55 9.14
CA ASN A 333 19.09 -12.98 8.33
C ASN A 333 18.91 -12.67 6.84
N TRP A 334 18.06 -11.70 6.51
CA TRP A 334 17.78 -11.37 5.12
C TRP A 334 19.03 -10.85 4.42
N THR A 335 19.28 -11.35 3.21
CA THR A 335 20.36 -10.86 2.36
C THR A 335 19.83 -9.74 1.47
N THR A 336 20.43 -8.56 1.54
CA THR A 336 20.00 -7.42 0.73
C THR A 336 19.87 -7.82 -0.72
N VAL A 337 18.75 -7.43 -1.35
CA VAL A 337 18.57 -7.75 -2.76
C VAL A 337 19.55 -6.96 -3.62
N ALA A 338 19.74 -7.45 -4.85
CA ALA A 338 20.64 -6.79 -5.79
C ALA A 338 20.07 -5.43 -6.19
N PRO A 339 20.89 -4.54 -6.73
CA PRO A 339 20.37 -3.24 -7.19
C PRO A 339 19.27 -3.44 -8.23
N GLN A 340 18.31 -2.52 -8.20
CA GLN A 340 17.14 -2.65 -9.06
C GLN A 340 17.51 -2.33 -10.51
N ARG A 341 17.15 -3.24 -11.41
CA ARG A 341 17.26 -3.02 -12.84
C ARG A 341 15.89 -2.64 -13.41
N LYS A 342 15.94 -1.97 -14.57
CA LYS A 342 14.75 -1.47 -15.25
C LYS A 342 14.90 -1.75 -16.73
N CYS A 343 14.00 -2.54 -17.29
CA CYS A 343 14.03 -2.92 -18.69
C CYS A 343 12.80 -2.33 -19.38
N ILE A 344 13.02 -1.41 -20.33
CA ILE A 344 11.95 -0.69 -21.02
C ILE A 344 11.72 -1.36 -22.36
N ILE A 345 10.49 -1.80 -22.64
CA ILE A 345 10.16 -2.46 -23.89
C ILE A 345 8.98 -1.72 -24.52
N ASP A 346 9.25 -1.01 -25.62
CA ASP A 346 8.18 -0.31 -26.34
C ASP A 346 7.53 -1.33 -27.28
N ILE A 347 6.25 -1.61 -27.06
CA ILE A 347 5.64 -2.81 -27.65
C ILE A 347 5.10 -2.52 -29.06
N LEU A 348 4.46 -1.37 -29.26
CA LEU A 348 3.72 -1.15 -30.50
C LEU A 348 4.59 -0.67 -31.66
N THR A 349 4.31 -1.16 -32.87
CA THR A 349 4.89 -0.61 -34.08
C THR A 349 3.95 0.35 -34.81
N GLU A 350 2.69 0.43 -34.40
CA GLU A 350 1.68 1.28 -35.03
C GLU A 350 0.47 1.34 -34.10
N PRO A 351 -0.34 2.41 -34.15
CA PRO A 351 -1.52 2.47 -33.30
C PRO A 351 -2.50 1.36 -33.67
N LYS A 352 -3.29 0.95 -32.67
CA LYS A 352 -4.24 -0.15 -32.82
C LYS A 352 -5.62 0.31 -32.40
N ASP A 353 -6.61 0.14 -33.29
N ASP A 353 -6.60 0.09 -33.28
CA ASP A 353 -7.99 0.42 -32.93
CA ASP A 353 -8.00 0.36 -32.96
C ASP A 353 -8.48 -0.58 -31.89
C ASP A 353 -8.47 -0.60 -31.87
N ILE A 354 -9.16 -0.06 -30.86
CA ILE A 354 -9.63 -0.92 -29.77
C ILE A 354 -10.90 -1.68 -30.19
N GLY A 355 -11.91 -0.95 -30.66
CA GLY A 355 -13.15 -1.60 -31.02
C GLY A 355 -13.76 -2.35 -29.86
N LYS A 356 -14.32 -3.53 -30.14
CA LYS A 356 -14.94 -4.35 -29.10
C LYS A 356 -13.90 -5.07 -28.25
N ARG A 357 -12.78 -5.45 -28.85
CA ARG A 357 -11.74 -6.19 -28.16
C ARG A 357 -10.44 -6.03 -28.92
N LEU A 358 -9.35 -5.87 -28.18
CA LEU A 358 -8.03 -5.75 -28.76
C LEU A 358 -7.09 -6.63 -27.94
N GLU A 359 -6.32 -7.46 -28.62
CA GLU A 359 -5.31 -8.28 -27.98
C GLU A 359 -3.96 -7.97 -28.62
N VAL A 360 -2.98 -7.62 -27.79
CA VAL A 360 -1.62 -7.31 -28.24
C VAL A 360 -0.68 -8.35 -27.63
N ARG A 361 -0.02 -9.13 -28.49
CA ARG A 361 0.90 -10.16 -28.05
C ARG A 361 2.32 -9.74 -28.40
N LYS A 362 3.26 -9.98 -27.48
CA LYS A 362 4.63 -9.62 -27.77
C LYS A 362 5.58 -10.53 -26.99
N THR A 363 6.54 -11.13 -27.68
CA THR A 363 7.56 -11.94 -27.03
C THR A 363 8.78 -11.07 -26.74
N VAL A 364 9.19 -10.99 -25.48
CA VAL A 364 10.29 -10.12 -25.10
C VAL A 364 11.45 -10.96 -24.56
N THR A 365 12.66 -10.38 -24.64
CA THR A 365 13.84 -11.00 -24.05
C THR A 365 14.22 -10.40 -22.71
N ALA A 366 13.54 -9.33 -22.29
CA ALA A 366 13.77 -8.71 -20.98
C ALA A 366 15.21 -8.22 -20.86
N CYS A 367 15.70 -7.59 -21.93
CA CYS A 367 17.01 -6.94 -21.97
C CYS A 367 18.14 -7.96 -21.87
N LEU A 368 17.92 -9.15 -22.42
CA LEU A 368 18.96 -10.16 -22.54
C LEU A 368 20.24 -9.57 -23.09
N GLY A 369 21.36 -9.93 -22.46
CA GLY A 369 22.66 -9.50 -22.92
C GLY A 369 23.08 -8.14 -22.45
N GLU A 370 22.23 -7.43 -21.73
CA GLU A 370 22.48 -6.06 -21.32
C GLU A 370 22.56 -5.99 -19.81
N PRO A 371 23.13 -4.92 -19.26
CA PRO A 371 23.25 -4.83 -17.80
C PRO A 371 21.91 -4.72 -17.08
N ASN A 372 20.82 -4.40 -17.78
CA ASN A 372 19.50 -4.36 -17.14
C ASN A 372 18.68 -5.61 -17.44
N HIS A 373 19.33 -6.70 -17.85
CA HIS A 373 18.67 -8.00 -17.99
C HIS A 373 17.98 -8.40 -16.68
N ILE A 374 16.70 -8.75 -16.76
CA ILE A 374 15.91 -9.14 -15.62
C ILE A 374 15.45 -10.57 -15.81
N THR A 375 15.86 -11.46 -14.90
CA THR A 375 15.29 -12.79 -14.81
C THR A 375 14.37 -12.96 -13.61
N ARG A 376 14.40 -12.03 -12.65
CA ARG A 376 13.61 -12.05 -11.41
C ARG A 376 12.79 -10.77 -11.36
N LEU A 377 11.51 -10.86 -11.73
CA LEU A 377 10.66 -9.68 -11.78
C LEU A 377 10.30 -9.19 -10.38
N GLU A 378 10.21 -7.87 -10.22
CA GLU A 378 9.54 -7.32 -9.06
C GLU A 378 8.22 -6.72 -9.55
N HIS A 379 8.13 -5.40 -9.67
CA HIS A 379 6.94 -4.78 -10.26
C HIS A 379 7.03 -4.79 -11.77
N ALA A 380 5.87 -4.89 -12.43
CA ALA A 380 5.78 -4.66 -13.87
C ALA A 380 4.72 -3.61 -14.12
N GLN A 381 4.96 -2.75 -15.11
CA GLN A 381 3.99 -1.74 -15.51
C GLN A 381 3.66 -1.92 -16.98
N ALA A 382 2.41 -1.72 -17.32
CA ALA A 382 2.01 -1.52 -18.70
C ALA A 382 1.63 -0.04 -18.79
N ARG A 383 2.49 0.76 -19.40
CA ARG A 383 2.26 2.19 -19.51
C ARG A 383 1.50 2.42 -20.81
N LEU A 384 0.22 2.78 -20.69
CA LEU A 384 -0.69 2.80 -21.83
C LEU A 384 -1.10 4.23 -22.16
N THR A 385 -1.10 4.54 -23.45
CA THR A 385 -1.72 5.75 -23.96
C THR A 385 -2.81 5.33 -24.93
N LEU A 386 -4.05 5.73 -24.66
CA LEU A 386 -5.16 5.35 -25.51
C LEU A 386 -6.25 6.41 -25.43
N SER A 387 -7.04 6.49 -26.49
CA SER A 387 -8.27 7.27 -26.49
C SER A 387 -9.44 6.31 -26.43
N TYR A 388 -10.54 6.78 -25.84
CA TYR A 388 -11.76 6.00 -25.78
C TYR A 388 -12.92 6.94 -25.45
N ASN A 389 -14.11 6.61 -25.94
CA ASN A 389 -15.23 7.51 -25.73
C ASN A 389 -15.85 7.39 -24.34
N ARG A 390 -15.88 6.20 -23.73
CA ARG A 390 -16.37 6.07 -22.34
C ARG A 390 -15.41 5.17 -21.57
N ARG A 391 -14.53 5.80 -20.77
CA ARG A 391 -13.37 5.11 -20.20
C ARG A 391 -13.78 3.96 -19.31
N GLY A 392 -14.84 4.13 -18.53
CA GLY A 392 -15.23 3.11 -17.55
C GLY A 392 -15.81 1.84 -18.15
N ASP A 393 -16.08 1.81 -19.45
CA ASP A 393 -16.47 0.57 -20.08
C ASP A 393 -15.28 -0.33 -20.40
N LEU A 394 -14.06 0.16 -20.26
CA LEU A 394 -12.87 -0.64 -20.56
C LEU A 394 -12.53 -1.60 -19.43
N ALA A 395 -12.18 -2.83 -19.79
CA ALA A 395 -11.44 -3.72 -18.90
C ALA A 395 -10.12 -4.10 -19.54
N ILE A 396 -9.05 -4.08 -18.74
CA ILE A 396 -7.70 -4.28 -19.26
C ILE A 396 -7.01 -5.37 -18.45
N HIS A 397 -6.47 -6.37 -19.14
CA HIS A 397 -5.75 -7.46 -18.49
C HIS A 397 -4.38 -7.60 -19.13
N LEU A 398 -3.42 -8.08 -18.32
CA LEU A 398 -2.05 -8.32 -18.75
C LEU A 398 -1.64 -9.71 -18.29
N VAL A 399 -1.19 -10.55 -19.22
CA VAL A 399 -0.81 -11.92 -18.91
C VAL A 399 0.70 -12.05 -19.06
N SER A 400 1.34 -12.56 -18.01
CA SER A 400 2.79 -12.72 -18.03
C SER A 400 3.18 -14.00 -18.76
N PRO A 401 4.45 -14.14 -19.13
CA PRO A 401 4.89 -15.38 -19.80
C PRO A 401 4.65 -16.62 -18.96
N MET A 402 4.60 -16.49 -17.64
N MET A 402 4.61 -16.50 -17.64
CA MET A 402 4.32 -17.63 -16.78
CA MET A 402 4.31 -17.64 -16.79
C MET A 402 2.83 -17.90 -16.63
C MET A 402 2.82 -17.84 -16.56
N GLY A 403 1.97 -17.19 -17.35
CA GLY A 403 0.55 -17.43 -17.34
C GLY A 403 -0.25 -16.67 -16.28
N THR A 404 0.34 -15.69 -15.60
CA THR A 404 -0.36 -14.97 -14.54
C THR A 404 -1.14 -13.81 -15.15
N ARG A 405 -2.46 -13.84 -14.97
CA ARG A 405 -3.34 -12.84 -15.55
C ARG A 405 -3.60 -11.75 -14.51
N SER A 406 -3.08 -10.55 -14.76
CA SER A 406 -3.31 -9.40 -13.90
C SER A 406 -4.42 -8.55 -14.48
N THR A 407 -5.43 -8.25 -13.66
CA THR A 407 -6.43 -7.26 -14.07
C THR A 407 -5.83 -5.88 -13.82
N LEU A 408 -5.44 -5.20 -14.90
CA LEU A 408 -4.93 -3.84 -14.77
C LEU A 408 -6.06 -2.86 -14.53
N LEU A 409 -7.24 -3.11 -15.10
CA LEU A 409 -8.37 -2.21 -14.98
C LEU A 409 -9.64 -3.03 -15.11
N ALA A 410 -10.53 -2.95 -14.13
CA ALA A 410 -11.86 -3.51 -14.28
C ALA A 410 -12.84 -2.40 -14.64
N ALA A 411 -14.02 -2.82 -15.12
CA ALA A 411 -15.04 -1.84 -15.50
C ALA A 411 -15.34 -0.89 -14.35
N ARG A 412 -15.52 0.39 -14.66
CA ARG A 412 -15.88 1.39 -13.67
C ARG A 412 -17.18 2.05 -14.13
N PRO A 413 -18.34 1.62 -13.62
CA PRO A 413 -19.60 2.10 -14.20
C PRO A 413 -19.79 3.60 -14.17
N HIS A 414 -19.19 4.30 -13.20
CA HIS A 414 -19.35 5.74 -13.08
C HIS A 414 -18.36 6.54 -13.93
N ASP A 415 -17.36 5.90 -14.53
CA ASP A 415 -16.32 6.63 -15.26
C ASP A 415 -16.79 6.86 -16.68
N TYR A 416 -17.45 8.01 -16.89
CA TYR A 416 -17.93 8.39 -18.22
C TYR A 416 -16.88 9.14 -19.03
N SER A 417 -15.67 9.31 -18.50
CA SER A 417 -14.68 10.19 -19.13
C SER A 417 -14.39 9.80 -20.57
N ALA A 418 -14.23 10.81 -21.42
CA ALA A 418 -13.75 10.62 -22.78
C ALA A 418 -12.28 10.96 -22.91
N ASP A 419 -11.57 11.14 -21.80
CA ASP A 419 -10.18 11.58 -21.81
C ASP A 419 -9.17 10.43 -21.88
N GLY A 420 -9.62 9.18 -21.83
CA GLY A 420 -8.70 8.06 -22.04
C GLY A 420 -7.61 8.01 -21.00
N PHE A 421 -6.47 7.42 -21.37
CA PHE A 421 -5.30 7.30 -20.49
C PHE A 421 -4.09 7.90 -21.18
N ASN A 422 -3.37 8.76 -20.48
CA ASN A 422 -2.24 9.46 -21.06
C ASN A 422 -0.97 8.91 -20.40
N ASP A 423 -0.38 7.89 -21.02
CA ASP A 423 0.80 7.18 -20.50
C ASP A 423 0.60 6.80 -19.03
N TRP A 424 -0.53 6.17 -18.74
CA TRP A 424 -0.84 5.76 -17.37
C TRP A 424 -0.15 4.44 -17.05
N ALA A 425 0.59 4.40 -15.95
CA ALA A 425 1.50 3.28 -15.68
C ALA A 425 0.82 2.23 -14.80
N PHE A 426 -0.13 1.47 -15.40
CA PHE A 426 -0.82 0.41 -14.68
C PHE A 426 0.19 -0.58 -14.10
N MET A 427 0.11 -0.87 -12.81
CA MET A 427 1.15 -1.67 -12.17
C MET A 427 0.58 -2.97 -11.64
N THR A 428 1.37 -4.05 -11.74
CA THR A 428 0.98 -5.31 -11.10
C THR A 428 2.12 -5.84 -10.23
N THR A 429 1.75 -6.31 -9.05
CA THR A 429 2.63 -7.04 -8.14
C THR A 429 2.50 -8.54 -8.30
N HIS A 430 1.57 -9.01 -9.14
CA HIS A 430 1.19 -10.42 -9.14
C HIS A 430 2.21 -11.34 -9.80
N SER A 431 3.20 -10.80 -10.52
CA SER A 431 4.20 -11.62 -11.19
C SER A 431 5.56 -11.51 -10.51
N TRP A 432 5.57 -10.99 -9.28
CA TRP A 432 6.78 -10.90 -8.48
C TRP A 432 7.52 -12.23 -8.44
N ASP A 433 8.83 -12.18 -8.71
CA ASP A 433 9.78 -13.30 -8.72
C ASP A 433 9.65 -14.18 -9.97
N GLU A 434 8.72 -13.90 -10.88
CA GLU A 434 8.66 -14.64 -12.14
C GLU A 434 9.77 -14.20 -13.09
N ASP A 435 10.13 -15.11 -14.01
CA ASP A 435 10.99 -14.75 -15.14
C ASP A 435 10.14 -14.04 -16.18
N PRO A 436 10.42 -12.79 -16.51
CA PRO A 436 9.59 -12.06 -17.49
C PRO A 436 9.98 -12.25 -18.95
N SER A 437 10.93 -13.13 -19.26
CA SER A 437 11.24 -13.42 -20.65
C SER A 437 10.08 -14.19 -21.28
N GLY A 438 9.78 -13.93 -22.54
CA GLY A 438 8.72 -14.68 -23.18
C GLY A 438 7.53 -13.85 -23.64
N GLU A 439 6.38 -14.49 -23.81
CA GLU A 439 5.22 -13.82 -24.41
C GLU A 439 4.38 -13.11 -23.35
N TRP A 440 4.22 -11.80 -23.51
CA TRP A 440 3.28 -11.01 -22.73
C TRP A 440 2.05 -10.72 -23.59
N VAL A 441 0.87 -10.74 -22.97
CA VAL A 441 -0.38 -10.49 -23.68
C VAL A 441 -1.16 -9.39 -22.98
N LEU A 442 -1.49 -8.33 -23.72
CA LEU A 442 -2.36 -7.26 -23.24
C LEU A 442 -3.73 -7.43 -23.89
N GLU A 443 -4.77 -7.39 -23.08
CA GLU A 443 -6.15 -7.49 -23.54
C GLU A 443 -6.90 -6.23 -23.11
N ILE A 444 -7.53 -5.56 -24.07
CA ILE A 444 -8.39 -4.42 -23.81
C ILE A 444 -9.76 -4.76 -24.38
N GLU A 445 -10.80 -4.70 -23.55
CA GLU A 445 -12.11 -5.02 -24.08
C GLU A 445 -13.16 -4.02 -23.62
N ASN A 446 -14.16 -3.87 -24.47
CA ASN A 446 -15.36 -3.11 -24.16
C ASN A 446 -16.31 -4.04 -23.41
N THR A 447 -16.61 -3.72 -22.16
CA THR A 447 -17.46 -4.56 -21.33
C THR A 447 -18.94 -4.22 -21.46
N SER A 448 -19.28 -3.22 -22.28
CA SER A 448 -20.67 -2.83 -22.48
C SER A 448 -21.14 -3.21 -23.88
N GLU A 449 -22.45 -3.17 -24.07
CA GLU A 449 -23.04 -3.39 -25.39
C GLU A 449 -22.98 -2.15 -26.27
N ALA A 450 -22.55 -1.00 -25.74
CA ALA A 450 -22.48 0.22 -26.52
C ALA A 450 -21.42 0.11 -27.61
N ASN A 451 -21.62 0.85 -28.70
CA ASN A 451 -20.66 0.85 -29.81
C ASN A 451 -19.58 1.89 -29.51
N ASN A 452 -18.67 1.52 -28.62
CA ASN A 452 -17.60 2.41 -28.21
C ASN A 452 -16.46 2.36 -29.22
N TYR A 453 -15.56 3.34 -29.13
CA TYR A 453 -14.50 3.47 -30.12
C TYR A 453 -13.29 4.16 -29.51
N GLY A 454 -12.12 3.78 -29.99
CA GLY A 454 -10.89 4.43 -29.57
C GLY A 454 -9.69 3.70 -30.13
N THR A 455 -8.52 4.17 -29.73
CA THR A 455 -7.25 3.73 -30.31
C THR A 455 -6.18 3.64 -29.23
N LEU A 456 -5.46 2.53 -29.22
CA LEU A 456 -4.26 2.38 -28.38
C LEU A 456 -3.06 2.87 -29.19
N THR A 457 -2.41 3.94 -28.72
CA THR A 457 -1.29 4.51 -29.46
C THR A 457 0.08 4.21 -28.85
N LYS A 458 0.14 3.83 -27.58
CA LYS A 458 1.44 3.48 -27.00
C LYS A 458 1.24 2.44 -25.91
N PHE A 459 2.12 1.44 -25.90
CA PHE A 459 2.16 0.41 -24.86
C PHE A 459 3.63 0.16 -24.56
N THR A 460 4.09 0.70 -23.43
CA THR A 460 5.43 0.45 -22.92
C THR A 460 5.33 -0.55 -21.78
N LEU A 461 5.97 -1.68 -21.93
CA LEU A 461 6.10 -2.63 -20.83
C LEU A 461 7.37 -2.27 -20.07
N VAL A 462 7.23 -1.90 -18.81
CA VAL A 462 8.38 -1.56 -17.96
C VAL A 462 8.52 -2.66 -16.92
N LEU A 463 9.65 -3.35 -16.96
CA LEU A 463 9.98 -4.41 -16.02
C LEU A 463 11.02 -3.90 -15.03
N TYR A 464 10.79 -4.18 -13.75
CA TYR A 464 11.75 -3.92 -12.68
C TYR A 464 12.15 -5.25 -12.04
N GLY A 465 13.41 -5.34 -11.60
CA GLY A 465 13.82 -6.53 -10.87
C GLY A 465 15.32 -6.74 -10.96
N THR A 466 15.71 -8.02 -10.84
CA THR A 466 17.12 -8.38 -10.72
C THR A 466 17.39 -9.60 -11.61
N ALA A 467 18.64 -10.06 -11.58
CA ALA A 467 19.01 -11.29 -12.28
C ALA A 467 19.67 -12.30 -11.35
N SER A 468 19.28 -12.32 -10.08
CA SER A 468 19.94 -13.23 -9.14
C SER A 468 19.08 -13.43 -7.92
N GLY A 469 19.29 -14.57 -7.26
CA GLY A 469 18.84 -14.76 -5.89
C GLY A 469 17.48 -15.42 -5.71
N SER A 470 17.05 -16.25 -6.66
CA SER A 470 15.70 -16.80 -6.60
C SER A 470 15.58 -17.89 -5.55
N LEU A 471 14.34 -18.11 -5.11
CA LEU A 471 13.95 -19.21 -4.26
C LEU A 471 13.28 -20.30 -5.09
N VAL A 472 13.34 -21.53 -4.57
CA VAL A 472 12.53 -22.58 -5.19
C VAL A 472 11.06 -22.20 -5.08
N PRO A 473 10.28 -22.26 -6.17
CA PRO A 473 8.87 -21.82 -6.11
C PRO A 473 8.07 -22.56 -5.06
N ARG A 474 7.12 -21.84 -4.47
CA ARG A 474 6.26 -22.34 -3.39
C ARG A 474 5.48 -23.60 -3.79
N LYS B 1 -12.81 17.82 -3.29
CA LYS B 1 -11.45 17.97 -2.74
C LYS B 1 -10.53 17.36 -3.60
N ARG B 2 -9.21 17.80 -3.60
CA ARG B 2 -8.23 17.12 -4.46
C ARG B 2 -7.84 15.92 -3.82
N ARG B 3 -7.76 15.87 -2.41
CA ARG B 3 -7.38 14.62 -1.71
C ARG B 3 -8.29 14.43 -0.65
N LYS B 5 -9.67 12.00 3.10
CA LYS B 5 -9.34 11.02 4.16
C LYS B 5 -9.84 9.78 3.75
#